data_1KR6
#
_entry.id   1KR6
#
_cell.length_a   93.772
_cell.length_b   93.772
_cell.length_c   131.359
_cell.angle_alpha   90.00
_cell.angle_beta   90.00
_cell.angle_gamma   120.00
#
_symmetry.space_group_name_H-M   'P 61 2 2'
#
loop_
_entity.id
_entity.type
_entity.pdbx_description
1 polymer Thermolysin
2 non-polymer 'CALCIUM ION'
3 non-polymer 'ZINC ION'
4 non-polymer 'benzyl chlorocarbonate'
5 non-polymer 'D-GLUTAMIC ACID'
6 water water
#
_entity_poly.entity_id   1
_entity_poly.type   'polypeptide(L)'
_entity_poly.pdbx_seq_one_letter_code
;ITGTSTVGVGRGVLGDQKNINTTYSTYYYLQDNTRGNGIFTYDAKYRTTLPGSLWADADNQFFASYDAPAVDAHYYAGVT
YDYYKNVHNRLSYDGNNAAIRSSVHYSQGYNNAFWNGSQMVYGDGDGQTFIPLSGGIDVVAHELTHAVTDYTAGLIYQNE
SGAINEAISDIFGTLVEFYANKNPDWEIGEDVYTPGISGDSLRSMSDPAKYGDPDHYSKRYTGTQDNGGVHINSGIINKA
AYLISQGGTHYGVSVVGIGRDKLGKIFYRALTQYLTPTSNFSQLRAAAVQSATDLYGSTSQEVASVKQAFDAVGVK
;
_entity_poly.pdbx_strand_id   A
#
loop_
_chem_comp.id
_chem_comp.type
_chem_comp.name
_chem_comp.formula
CA non-polymer 'CALCIUM ION' 'Ca 2'
PHQ non-polymer 'benzyl chlorocarbonate' 'C8 H7 Cl O2'
ZN non-polymer 'ZINC ION' 'Zn 2'
#
# COMPACT_ATOMS: atom_id res chain seq x y z
N ILE A 1 20.23 -0.51 16.80
CA ILE A 1 21.18 -0.56 17.94
C ILE A 1 20.84 -1.68 18.92
N THR A 2 21.78 -2.01 19.79
CA THR A 2 21.57 -3.06 20.79
C THR A 2 20.98 -2.47 22.06
N GLY A 3 19.87 -3.03 22.52
CA GLY A 3 19.25 -2.51 23.73
C GLY A 3 18.14 -3.40 24.26
N THR A 4 17.32 -2.83 25.15
CA THR A 4 16.22 -3.56 25.76
C THR A 4 14.89 -3.20 25.08
N SER A 5 14.14 -4.20 24.67
CA SER A 5 12.86 -3.98 24.02
C SER A 5 11.81 -3.47 25.02
N THR A 6 11.09 -2.43 24.65
CA THR A 6 10.06 -1.90 25.54
C THR A 6 8.91 -1.34 24.72
N VAL A 7 7.95 -0.73 25.40
CA VAL A 7 6.80 -0.16 24.72
C VAL A 7 6.57 1.29 25.13
N GLY A 8 6.46 2.16 24.14
CA GLY A 8 6.23 3.56 24.41
C GLY A 8 4.82 3.94 23.99
N VAL A 9 4.46 5.20 24.19
CA VAL A 9 3.13 5.66 23.82
C VAL A 9 3.24 7.02 23.14
N GLY A 10 2.35 7.25 22.17
CA GLY A 10 2.38 8.52 21.46
C GLY A 10 1.08 8.80 20.75
N ARG A 11 1.05 9.92 20.00
CA ARG A 11 -0.11 10.32 19.23
C ARG A 11 0.28 10.40 17.77
N GLY A 12 -0.60 9.89 16.91
CA GLY A 12 -0.33 9.92 15.48
C GLY A 12 -0.74 11.22 14.82
N VAL A 13 -0.63 11.26 13.49
CA VAL A 13 -0.96 12.44 12.71
C VAL A 13 -2.40 12.91 12.90
N LEU A 14 -3.33 11.95 13.04
CA LEU A 14 -4.74 12.28 13.21
C LEU A 14 -5.12 12.53 14.67
N GLY A 15 -4.12 12.55 15.55
CA GLY A 15 -4.37 12.80 16.96
C GLY A 15 -4.79 11.60 17.81
N ASP A 16 -4.72 10.40 17.24
CA ASP A 16 -5.10 9.21 17.97
C ASP A 16 -3.91 8.67 18.76
N GLN A 17 -4.19 8.14 19.95
CA GLN A 17 -3.14 7.60 20.80
C GLN A 17 -2.91 6.12 20.49
N LYS A 18 -1.65 5.72 20.48
CA LYS A 18 -1.32 4.32 20.22
C LYS A 18 0.00 3.94 20.87
N ASN A 19 0.17 2.65 21.13
CA ASN A 19 1.40 2.14 21.73
C ASN A 19 2.32 1.70 20.60
N ILE A 20 3.61 1.95 20.77
CA ILE A 20 4.59 1.58 19.76
C ILE A 20 5.77 0.85 20.39
N ASN A 21 6.33 -0.10 19.66
CA ASN A 21 7.47 -0.87 20.13
C ASN A 21 8.77 -0.10 19.95
N THR A 22 9.51 0.08 21.04
CA THR A 22 10.76 0.82 20.99
C THR A 22 11.90 0.01 21.60
N THR A 23 13.10 0.58 21.55
CA THR A 23 14.30 -0.06 22.10
C THR A 23 15.02 0.93 23.00
N TYR A 24 15.38 0.50 24.20
CA TYR A 24 16.06 1.38 25.14
C TYR A 24 17.55 1.13 25.28
N SER A 25 18.32 2.19 25.10
CA SER A 25 19.78 2.16 25.22
C SER A 25 20.17 3.63 25.35
N THR A 26 20.09 4.14 26.58
CA THR A 26 20.39 5.54 26.91
C THR A 26 19.17 6.35 26.48
N TYR A 27 18.85 6.26 25.19
CA TYR A 27 17.67 6.92 24.63
C TYR A 27 16.68 5.83 24.27
N TYR A 28 15.45 6.21 23.96
CA TYR A 28 14.45 5.25 23.51
C TYR A 28 14.39 5.45 22.00
N TYR A 29 14.66 4.41 21.24
CA TYR A 29 14.66 4.52 19.77
C TYR A 29 13.46 3.87 19.12
N LEU A 30 13.07 4.37 17.95
CA LEU A 30 11.96 3.78 17.23
C LEU A 30 12.53 2.60 16.48
N GLN A 31 12.72 1.52 17.22
CA GLN A 31 13.24 0.27 16.70
C GLN A 31 12.39 -0.82 17.34
N ASP A 32 11.63 -1.50 16.49
CA ASP A 32 10.73 -2.57 16.91
C ASP A 32 11.41 -3.92 16.67
N ASN A 33 11.81 -4.58 17.74
CA ASN A 33 12.48 -5.88 17.62
C ASN A 33 11.54 -7.07 17.62
N THR A 34 10.23 -6.82 17.72
CA THR A 34 9.27 -7.92 17.77
C THR A 34 8.86 -8.46 16.40
N ARG A 35 9.24 -7.77 15.34
CA ARG A 35 8.87 -8.18 14.00
C ARG A 35 10.05 -8.42 13.06
N GLY A 36 10.29 -9.68 12.73
CA GLY A 36 11.39 -10.03 11.85
C GLY A 36 12.73 -9.49 12.31
N ASN A 37 13.52 -8.95 11.39
CA ASN A 37 14.82 -8.40 11.74
C ASN A 37 14.67 -6.97 12.24
N GLY A 38 13.43 -6.56 12.46
CA GLY A 38 13.16 -5.23 12.98
C GLY A 38 12.54 -4.20 12.06
N ILE A 39 11.91 -3.20 12.68
CA ILE A 39 11.32 -2.09 11.97
C ILE A 39 12.00 -0.87 12.56
N PHE A 40 12.61 -0.07 11.68
CA PHE A 40 13.36 1.11 12.08
C PHE A 40 12.78 2.38 11.46
N THR A 41 12.61 3.41 12.27
CA THR A 41 12.07 4.67 11.76
C THR A 41 13.09 5.77 11.99
N TYR A 42 13.39 6.53 10.94
CA TYR A 42 14.39 7.59 10.99
C TYR A 42 13.85 9.00 10.80
N ASP A 43 14.62 9.98 11.28
CA ASP A 43 14.28 11.39 11.15
C ASP A 43 15.16 11.94 10.03
N ALA A 44 14.53 12.43 8.95
CA ALA A 44 15.29 12.99 7.83
C ALA A 44 15.54 14.49 8.06
N LYS A 45 14.98 15.03 9.14
CA LYS A 45 15.18 16.43 9.53
C LYS A 45 14.98 17.49 8.45
N TYR A 46 13.97 17.30 7.61
CA TYR A 46 13.64 18.23 6.53
C TYR A 46 14.67 18.26 5.40
N ARG A 47 15.62 17.33 5.41
CA ARG A 47 16.65 17.25 4.37
C ARG A 47 16.27 16.11 3.42
N THR A 48 17.08 15.92 2.37
CA THR A 48 16.82 14.86 1.41
C THR A 48 17.86 13.75 1.47
N THR A 49 18.75 13.83 2.46
CA THR A 49 19.77 12.82 2.67
C THR A 49 19.10 11.66 3.40
N LEU A 50 19.28 10.44 2.90
CA LEU A 50 18.66 9.27 3.52
C LEU A 50 19.68 8.29 4.08
N PRO A 51 19.29 7.53 5.11
CA PRO A 51 17.96 7.55 5.76
C PRO A 51 17.79 8.63 6.82
N GLY A 52 18.89 9.23 7.24
CA GLY A 52 18.81 10.25 8.28
C GLY A 52 19.31 9.59 9.56
N SER A 53 18.76 10.02 10.70
N SER A 53 18.79 10.02 10.71
CA SER A 53 19.17 9.47 11.99
CA SER A 53 19.22 9.42 11.97
C SER A 53 18.07 8.61 12.61
C SER A 53 18.10 8.63 12.62
N LEU A 54 18.45 7.46 13.17
CA LEU A 54 17.45 6.60 13.83
C LEU A 54 16.76 7.46 14.88
N TRP A 55 15.44 7.43 14.89
CA TRP A 55 14.67 8.26 15.82
C TRP A 55 14.95 7.98 17.28
N ALA A 56 15.46 8.99 17.98
CA ALA A 56 15.77 8.88 19.41
C ALA A 56 14.89 9.81 20.22
N ASP A 57 14.40 9.32 21.35
CA ASP A 57 13.54 10.10 22.23
C ASP A 57 14.00 9.87 23.67
N ALA A 58 13.98 10.94 24.48
CA ALA A 58 14.45 10.84 25.86
C ALA A 58 13.57 10.13 26.87
N ASP A 59 12.24 10.21 26.71
CA ASP A 59 11.34 9.61 27.70
C ASP A 59 10.35 8.53 27.27
N ASN A 60 10.43 8.09 26.02
CA ASN A 60 9.55 7.03 25.50
C ASN A 60 8.09 7.48 25.39
N GLN A 61 7.88 8.79 25.34
CA GLN A 61 6.55 9.38 25.19
C GLN A 61 6.64 10.24 23.94
N PHE A 62 5.78 9.98 22.96
CA PHE A 62 5.80 10.70 21.69
C PHE A 62 4.55 11.51 21.40
N PHE A 63 4.35 12.57 22.18
CA PHE A 63 3.18 13.43 22.03
C PHE A 63 3.44 14.79 21.38
N ALA A 64 4.68 15.04 20.95
CA ALA A 64 5.02 16.31 20.32
C ALA A 64 4.54 16.29 18.87
N SER A 65 4.15 17.45 18.34
CA SER A 65 3.67 17.50 16.97
C SER A 65 4.72 16.95 16.01
N TYR A 66 6.00 17.21 16.31
CA TYR A 66 7.09 16.74 15.45
C TYR A 66 7.18 15.21 15.46
N ASP A 67 6.68 14.58 16.52
CA ASP A 67 6.73 13.12 16.65
C ASP A 67 5.67 12.37 15.84
N ALA A 68 4.52 13.01 15.64
CA ALA A 68 3.37 12.39 14.96
C ALA A 68 3.64 11.53 13.72
N PRO A 69 4.34 12.07 12.71
CA PRO A 69 4.62 11.31 11.49
C PRO A 69 5.44 10.05 11.75
N ALA A 70 6.35 10.14 12.72
CA ALA A 70 7.21 9.00 13.07
C ALA A 70 6.39 7.92 13.76
N VAL A 71 5.50 8.33 14.65
CA VAL A 71 4.65 7.38 15.37
C VAL A 71 3.85 6.53 14.39
N ASP A 72 3.19 7.20 13.44
CA ASP A 72 2.38 6.48 12.45
C ASP A 72 3.18 5.65 11.45
N ALA A 73 4.33 6.15 11.01
CA ALA A 73 5.14 5.40 10.07
C ALA A 73 5.62 4.11 10.74
N HIS A 74 6.00 4.23 12.00
CA HIS A 74 6.49 3.09 12.76
C HIS A 74 5.36 2.09 13.03
N TYR A 75 4.24 2.61 13.52
CA TYR A 75 3.09 1.77 13.84
C TYR A 75 2.46 1.07 12.64
N TYR A 76 2.20 1.80 11.57
CA TYR A 76 1.57 1.21 10.40
C TYR A 76 2.47 0.25 9.63
N ALA A 77 3.79 0.44 9.74
CA ALA A 77 4.72 -0.48 9.09
C ALA A 77 4.53 -1.82 9.83
N GLY A 78 4.33 -1.74 11.13
CA GLY A 78 4.12 -2.94 11.93
C GLY A 78 2.83 -3.65 11.55
N VAL A 79 1.76 -2.89 11.38
CA VAL A 79 0.47 -3.47 11.01
C VAL A 79 0.58 -4.16 9.65
N THR A 80 1.27 -3.53 8.72
CA THR A 80 1.43 -4.09 7.39
C THR A 80 2.24 -5.38 7.47
N TYR A 81 3.28 -5.39 8.30
CA TYR A 81 4.08 -6.60 8.47
C TYR A 81 3.19 -7.73 8.99
N ASP A 82 2.34 -7.39 9.97
CA ASP A 82 1.43 -8.37 10.56
C ASP A 82 0.48 -8.94 9.51
N TYR A 83 -0.04 -8.07 8.65
CA TYR A 83 -0.95 -8.51 7.61
C TYR A 83 -0.32 -9.57 6.72
N TYR A 84 0.85 -9.27 6.16
CA TYR A 84 1.52 -10.21 5.28
C TYR A 84 1.90 -11.51 5.98
N LYS A 85 2.29 -11.42 7.25
CA LYS A 85 2.67 -12.63 7.98
C LYS A 85 1.46 -13.49 8.35
N ASN A 86 0.44 -12.86 8.92
CA ASN A 86 -0.75 -13.60 9.35
C ASN A 86 -1.69 -14.07 8.24
N VAL A 87 -1.86 -13.24 7.22
CA VAL A 87 -2.77 -13.59 6.12
C VAL A 87 -2.14 -14.37 4.97
N HIS A 88 -0.91 -14.01 4.59
CA HIS A 88 -0.25 -14.65 3.47
C HIS A 88 0.98 -15.49 3.81
N ASN A 89 1.29 -15.58 5.09
N ASN A 89 1.29 -15.57 5.10
CA ASN A 89 2.45 -16.35 5.55
CA ASN A 89 2.44 -16.34 5.57
C ASN A 89 3.74 -15.86 4.89
C ASN A 89 3.73 -15.86 4.91
N ARG A 90 3.85 -14.55 4.74
CA ARG A 90 5.04 -13.97 4.14
C ARG A 90 5.77 -13.18 5.22
N LEU A 91 7.06 -13.47 5.40
CA LEU A 91 7.87 -12.79 6.40
C LEU A 91 8.58 -11.59 5.78
N SER A 92 8.05 -10.41 6.07
CA SER A 92 8.54 -9.14 5.56
C SER A 92 8.43 -9.10 4.03
N TYR A 93 8.95 -8.03 3.41
CA TYR A 93 8.83 -7.90 1.96
C TYR A 93 9.64 -8.86 1.11
N ASP A 94 10.76 -9.36 1.63
CA ASP A 94 11.58 -10.29 0.87
C ASP A 94 11.29 -11.75 1.19
N GLY A 95 10.41 -11.98 2.15
CA GLY A 95 10.05 -13.33 2.54
C GLY A 95 11.05 -13.96 3.50
N ASN A 96 12.06 -13.18 3.90
CA ASN A 96 13.08 -13.67 4.81
C ASN A 96 13.32 -12.68 5.95
N ASN A 97 12.25 -12.01 6.36
CA ASN A 97 12.29 -11.05 7.46
C ASN A 97 13.26 -9.88 7.35
N ALA A 98 13.41 -9.34 6.15
CA ALA A 98 14.30 -8.19 5.94
C ALA A 98 13.85 -7.03 6.83
N ALA A 99 14.80 -6.28 7.35
CA ALA A 99 14.48 -5.13 8.19
C ALA A 99 13.70 -4.11 7.38
N ILE A 100 12.71 -3.49 8.00
CA ILE A 100 11.89 -2.49 7.33
C ILE A 100 12.32 -1.12 7.84
N ARG A 101 12.67 -0.22 6.92
CA ARG A 101 13.12 1.11 7.30
C ARG A 101 12.27 2.21 6.68
N SER A 102 11.96 3.24 7.47
CA SER A 102 11.18 4.37 7.00
C SER A 102 11.80 5.66 7.50
N SER A 103 11.75 6.71 6.67
CA SER A 103 12.27 8.01 7.07
C SER A 103 11.11 9.00 6.96
N VAL A 104 10.94 9.85 7.96
CA VAL A 104 9.87 10.85 7.92
C VAL A 104 10.49 12.24 7.93
N HIS A 105 9.68 13.27 7.73
CA HIS A 105 10.16 14.65 7.66
C HIS A 105 11.17 14.79 6.53
N TYR A 106 10.85 14.15 5.41
CA TYR A 106 11.70 14.21 4.23
C TYR A 106 11.44 15.53 3.50
N SER A 107 12.50 16.31 3.27
CA SER A 107 12.40 17.60 2.58
C SER A 107 11.47 18.57 3.30
N GLN A 108 11.01 19.61 2.59
CA GLN A 108 10.12 20.61 3.17
C GLN A 108 8.84 20.73 2.36
N GLY A 109 7.69 20.62 3.04
CA GLY A 109 6.41 20.72 2.35
C GLY A 109 6.31 19.75 1.18
N TYR A 110 6.87 18.56 1.36
CA TYR A 110 6.88 17.54 0.31
C TYR A 110 5.59 16.73 0.29
N ASN A 111 4.87 16.80 -0.83
CA ASN A 111 3.60 16.10 -0.97
C ASN A 111 3.66 14.68 -1.49
N ASN A 112 4.71 13.95 -1.19
CA ASN A 112 4.80 12.58 -1.67
C ASN A 112 5.38 11.61 -0.67
N ALA A 113 5.18 10.33 -0.96
CA ALA A 113 5.70 9.24 -0.15
C ALA A 113 6.14 8.25 -1.22
N PHE A 114 7.22 7.52 -0.97
CA PHE A 114 7.69 6.57 -1.96
C PHE A 114 8.64 5.52 -1.39
N TRP A 115 8.89 4.48 -2.20
CA TRP A 115 9.81 3.40 -1.87
C TRP A 115 10.98 3.66 -2.81
N ASN A 116 12.17 3.87 -2.27
CA ASN A 116 13.33 4.19 -3.11
C ASN A 116 14.19 2.98 -3.49
N GLY A 117 13.63 1.79 -3.33
CA GLY A 117 14.36 0.58 -3.67
C GLY A 117 15.01 -0.07 -2.45
N SER A 118 15.10 0.69 -1.36
CA SER A 118 15.72 0.18 -0.14
C SER A 118 14.93 0.52 1.12
N GLN A 119 14.10 1.56 1.05
CA GLN A 119 13.32 1.99 2.20
C GLN A 119 12.12 2.86 1.81
N MET A 120 11.27 3.13 2.78
CA MET A 120 10.10 3.99 2.55
C MET A 120 10.47 5.40 2.99
N VAL A 121 9.92 6.39 2.29
CA VAL A 121 10.19 7.80 2.58
C VAL A 121 8.87 8.56 2.62
N TYR A 122 8.69 9.41 3.63
CA TYR A 122 7.45 10.18 3.78
C TYR A 122 7.65 11.68 3.93
N GLY A 123 6.95 12.45 3.11
CA GLY A 123 7.04 13.89 3.22
C GLY A 123 6.02 14.33 4.26
N ASP A 124 6.06 15.61 4.65
CA ASP A 124 5.13 16.15 5.64
C ASP A 124 3.91 16.78 4.96
N GLY A 125 4.00 16.95 3.65
CA GLY A 125 2.91 17.58 2.92
C GLY A 125 3.03 19.09 3.08
N ASP A 126 2.26 19.85 2.31
CA ASP A 126 2.31 21.30 2.41
C ASP A 126 1.24 21.85 3.34
N GLY A 127 0.46 20.96 3.93
CA GLY A 127 -0.60 21.37 4.85
C GLY A 127 -1.89 21.76 4.17
N GLN A 128 -1.86 21.81 2.83
CA GLN A 128 -3.03 22.16 2.04
C GLN A 128 -3.51 20.97 1.22
N THR A 129 -2.60 20.42 0.43
CA THR A 129 -2.90 19.28 -0.41
C THR A 129 -2.79 18.00 0.40
N PHE A 130 -1.79 17.95 1.28
CA PHE A 130 -1.54 16.79 2.11
C PHE A 130 -1.04 17.18 3.50
N ILE A 131 -1.27 16.29 4.47
CA ILE A 131 -0.75 16.46 5.82
C ILE A 131 0.25 15.28 5.82
N PRO A 132 1.10 15.13 6.86
CA PRO A 132 2.07 14.02 6.85
C PRO A 132 1.51 12.72 6.28
N LEU A 133 2.09 12.28 5.16
N LEU A 133 2.10 12.28 5.17
CA LEU A 133 1.62 11.09 4.47
CA LEU A 133 1.67 11.09 4.45
C LEU A 133 1.60 9.77 5.24
C LEU A 133 1.64 9.76 5.20
N SER A 134 2.43 9.64 6.27
CA SER A 134 2.46 8.40 7.03
C SER A 134 1.18 8.24 7.87
N GLY A 135 0.34 9.28 7.88
CA GLY A 135 -0.89 9.22 8.65
C GLY A 135 -1.97 8.38 7.98
N GLY A 136 -1.71 7.95 6.76
CA GLY A 136 -2.68 7.14 6.05
C GLY A 136 -2.21 5.70 6.00
N ILE A 137 -2.96 4.78 6.61
CA ILE A 137 -2.54 3.40 6.60
C ILE A 137 -2.51 2.81 5.18
N ASP A 138 -3.42 3.26 4.31
CA ASP A 138 -3.39 2.73 2.95
C ASP A 138 -2.15 3.22 2.19
N VAL A 139 -1.67 4.41 2.55
CA VAL A 139 -0.46 4.97 1.92
C VAL A 139 0.76 4.14 2.34
N VAL A 140 0.89 3.90 3.64
CA VAL A 140 2.02 3.10 4.16
C VAL A 140 2.01 1.71 3.54
N ALA A 141 0.85 1.06 3.53
CA ALA A 141 0.74 -0.27 2.97
C ALA A 141 1.00 -0.26 1.46
N HIS A 142 0.61 0.82 0.80
CA HIS A 142 0.83 0.96 -0.64
C HIS A 142 2.33 0.94 -0.88
N GLU A 143 3.06 1.72 -0.09
CA GLU A 143 4.51 1.79 -0.24
C GLU A 143 5.23 0.48 0.07
N LEU A 144 4.88 -0.17 1.17
CA LEU A 144 5.55 -1.42 1.55
C LEU A 144 5.25 -2.50 0.51
N THR A 145 4.08 -2.42 -0.12
CA THR A 145 3.73 -3.40 -1.13
C THR A 145 4.62 -3.24 -2.37
N HIS A 146 5.12 -2.04 -2.63
CA HIS A 146 6.02 -1.85 -3.77
C HIS A 146 7.26 -2.70 -3.53
N ALA A 147 7.67 -2.79 -2.26
CA ALA A 147 8.84 -3.58 -1.89
C ALA A 147 8.56 -5.06 -2.15
N VAL A 148 7.35 -5.50 -1.80
CA VAL A 148 6.96 -6.88 -2.02
C VAL A 148 6.98 -7.19 -3.51
N THR A 149 6.44 -6.29 -4.31
CA THR A 149 6.41 -6.48 -5.76
C THR A 149 7.82 -6.55 -6.32
N ASP A 150 8.71 -5.68 -5.85
CA ASP A 150 10.09 -5.67 -6.33
C ASP A 150 10.79 -7.00 -6.11
N TYR A 151 10.48 -7.66 -4.99
CA TYR A 151 11.11 -8.93 -4.68
C TYR A 151 10.42 -10.15 -5.26
N THR A 152 9.25 -9.94 -5.86
CA THR A 152 8.52 -11.04 -6.46
C THR A 152 8.39 -10.88 -7.97
N ALA A 153 7.24 -10.40 -8.42
CA ALA A 153 7.00 -10.23 -9.85
C ALA A 153 8.02 -9.30 -10.53
N GLY A 154 8.42 -8.25 -9.83
CA GLY A 154 9.40 -7.31 -10.38
C GLY A 154 8.87 -6.47 -11.53
N LEU A 155 7.56 -6.22 -11.52
CA LEU A 155 6.91 -5.43 -12.58
C LEU A 155 7.63 -4.11 -12.87
N ILE A 156 8.06 -3.94 -14.12
CA ILE A 156 8.75 -2.72 -14.55
C ILE A 156 7.81 -1.54 -14.38
N TYR A 157 8.32 -0.43 -13.85
CA TYR A 157 7.49 0.74 -13.59
C TYR A 157 7.24 1.62 -14.81
N GLN A 158 6.61 1.03 -15.82
CA GLN A 158 6.31 1.77 -17.04
C GLN A 158 5.17 1.09 -17.79
N ASN A 159 4.36 1.90 -18.47
CA ASN A 159 3.23 1.42 -19.26
C ASN A 159 2.32 0.45 -18.52
N GLU A 160 1.85 -0.59 -19.18
CA GLU A 160 0.93 -1.53 -18.55
C GLU A 160 1.48 -2.29 -17.34
N SER A 161 2.75 -2.69 -17.41
N SER A 161 2.76 -2.67 -17.41
CA SER A 161 3.33 -3.41 -16.28
CA SER A 161 3.38 -3.39 -16.31
C SER A 161 3.40 -2.48 -15.07
C SER A 161 3.40 -2.48 -15.08
N GLY A 162 3.67 -1.20 -15.32
CA GLY A 162 3.73 -0.22 -14.24
C GLY A 162 2.36 0.04 -13.64
N ALA A 163 1.33 0.02 -14.48
CA ALA A 163 -0.03 0.25 -14.00
C ALA A 163 -0.43 -0.91 -13.10
N ILE A 164 0.00 -2.13 -13.45
CA ILE A 164 -0.31 -3.30 -12.63
C ILE A 164 0.42 -3.15 -11.30
N ASN A 165 1.67 -2.71 -11.36
CA ASN A 165 2.48 -2.52 -10.17
C ASN A 165 1.74 -1.57 -9.22
N GLU A 166 1.24 -0.46 -9.78
CA GLU A 166 0.49 0.53 -9.00
C GLU A 166 -0.81 -0.03 -8.41
N ALA A 167 -1.57 -0.75 -9.23
CA ALA A 167 -2.83 -1.33 -8.77
C ALA A 167 -2.60 -2.31 -7.63
N ILE A 168 -1.56 -3.12 -7.72
CA ILE A 168 -1.25 -4.09 -6.68
C ILE A 168 -1.05 -3.36 -5.35
N SER A 169 -0.32 -2.24 -5.39
CA SER A 169 -0.08 -1.46 -4.19
C SER A 169 -1.38 -0.85 -3.65
N ASP A 170 -2.28 -0.42 -4.55
CA ASP A 170 -3.55 0.16 -4.09
C ASP A 170 -4.44 -0.94 -3.51
N ILE A 171 -4.45 -2.10 -4.18
CA ILE A 171 -5.25 -3.23 -3.74
C ILE A 171 -4.84 -3.70 -2.34
N PHE A 172 -3.56 -3.99 -2.14
CA PHE A 172 -3.13 -4.43 -0.83
C PHE A 172 -3.12 -3.31 0.19
N GLY A 173 -2.98 -2.08 -0.27
CA GLY A 173 -3.02 -0.96 0.65
C GLY A 173 -4.42 -0.94 1.27
N THR A 174 -5.42 -1.17 0.42
CA THR A 174 -6.80 -1.19 0.85
C THR A 174 -7.11 -2.42 1.71
N LEU A 175 -6.57 -3.57 1.35
CA LEU A 175 -6.82 -4.77 2.15
C LEU A 175 -6.23 -4.63 3.53
N VAL A 176 -5.09 -3.95 3.65
CA VAL A 176 -4.47 -3.73 4.95
C VAL A 176 -5.35 -2.77 5.76
N GLU A 177 -5.92 -1.79 5.08
CA GLU A 177 -6.79 -0.82 5.75
C GLU A 177 -7.99 -1.57 6.36
N PHE A 178 -8.50 -2.56 5.63
CA PHE A 178 -9.62 -3.36 6.12
C PHE A 178 -9.18 -4.29 7.24
N TYR A 179 -7.95 -4.79 7.13
CA TYR A 179 -7.38 -5.69 8.13
C TYR A 179 -7.29 -4.98 9.48
N ALA A 180 -6.86 -3.72 9.46
CA ALA A 180 -6.72 -2.93 10.68
C ALA A 180 -8.06 -2.38 11.15
N ASN A 181 -9.07 -2.49 10.30
CA ASN A 181 -10.42 -2.01 10.59
C ASN A 181 -10.42 -0.54 11.01
N LYS A 182 -9.62 0.26 10.30
CA LYS A 182 -9.51 1.69 10.57
C LYS A 182 -10.37 2.44 9.55
N ASN A 183 -11.65 2.62 9.86
CA ASN A 183 -12.57 3.31 8.95
C ASN A 183 -12.24 2.89 7.51
N PRO A 184 -12.34 1.59 7.22
CA PRO A 184 -12.03 1.05 5.89
C PRO A 184 -12.97 1.48 4.77
N ASP A 185 -12.40 1.63 3.58
CA ASP A 185 -13.13 2.02 2.39
C ASP A 185 -12.34 1.60 1.16
N TRP A 186 -12.86 1.90 -0.03
CA TRP A 186 -12.17 1.55 -1.26
C TRP A 186 -11.61 2.81 -1.93
N GLU A 187 -11.24 3.79 -1.11
CA GLU A 187 -10.66 5.03 -1.59
C GLU A 187 -9.19 5.01 -1.19
N ILE A 188 -8.36 5.80 -1.88
CA ILE A 188 -6.94 5.83 -1.57
C ILE A 188 -6.45 7.18 -1.05
N GLY A 189 -5.87 7.16 0.15
CA GLY A 189 -5.31 8.36 0.76
C GLY A 189 -6.26 9.36 1.37
N GLU A 190 -7.50 8.97 1.58
CA GLU A 190 -8.49 9.87 2.12
C GLU A 190 -8.15 10.48 3.48
N ASP A 191 -7.37 9.78 4.30
CA ASP A 191 -7.04 10.30 5.63
C ASP A 191 -6.02 11.43 5.67
N VAL A 192 -5.20 11.55 4.63
CA VAL A 192 -4.18 12.60 4.61
C VAL A 192 -4.30 13.58 3.46
N TYR A 193 -5.32 13.40 2.62
CA TYR A 193 -5.54 14.26 1.47
C TYR A 193 -6.48 15.43 1.76
N THR A 194 -6.10 16.62 1.29
CA THR A 194 -6.89 17.84 1.46
C THR A 194 -7.63 17.94 2.79
N PRO A 195 -6.91 18.25 3.87
CA PRO A 195 -7.54 18.36 5.18
C PRO A 195 -8.68 19.38 5.22
N GLY A 196 -8.69 20.31 4.26
CA GLY A 196 -9.73 21.31 4.22
C GLY A 196 -10.98 20.88 3.46
N ILE A 197 -10.94 19.68 2.89
CA ILE A 197 -12.07 19.15 2.14
C ILE A 197 -12.41 17.74 2.62
N SER A 198 -13.66 17.52 3.02
CA SER A 198 -14.05 16.20 3.50
C SER A 198 -14.71 15.37 2.42
N GLY A 199 -14.57 14.05 2.52
CA GLY A 199 -15.20 13.16 1.56
C GLY A 199 -14.47 12.85 0.26
N ASP A 200 -13.29 13.43 0.06
CA ASP A 200 -12.55 13.17 -1.17
C ASP A 200 -11.32 12.29 -0.91
N SER A 201 -10.58 12.00 -1.97
CA SER A 201 -9.38 11.17 -1.88
C SER A 201 -8.55 11.39 -3.14
N LEU A 202 -7.40 10.74 -3.20
CA LEU A 202 -6.51 10.88 -4.35
C LEU A 202 -6.98 10.00 -5.51
N ARG A 203 -7.40 8.79 -5.18
CA ARG A 203 -7.89 7.83 -6.16
C ARG A 203 -9.05 7.06 -5.56
N SER A 204 -9.89 6.51 -6.43
CA SER A 204 -11.03 5.70 -5.98
C SER A 204 -10.99 4.37 -6.71
N MET A 205 -11.12 3.27 -5.96
CA MET A 205 -11.13 1.95 -6.58
C MET A 205 -12.55 1.58 -6.97
N SER A 206 -13.52 2.07 -6.19
CA SER A 206 -14.93 1.77 -6.47
C SER A 206 -15.42 2.51 -7.71
N ASP A 207 -14.91 3.72 -7.92
CA ASP A 207 -15.28 4.52 -9.09
C ASP A 207 -14.13 5.42 -9.47
N PRO A 208 -13.13 4.87 -10.17
CA PRO A 208 -11.95 5.62 -10.61
C PRO A 208 -12.29 6.89 -11.39
N ALA A 209 -13.34 6.83 -12.18
CA ALA A 209 -13.78 7.95 -13.02
C ALA A 209 -14.13 9.20 -12.21
N LYS A 210 -14.41 9.02 -10.93
CA LYS A 210 -14.76 10.15 -10.07
C LYS A 210 -13.65 11.20 -10.08
N TYR A 211 -12.41 10.74 -10.24
CA TYR A 211 -11.28 11.66 -10.27
C TYR A 211 -10.60 11.69 -11.64
N GLY A 212 -11.34 11.30 -12.66
CA GLY A 212 -10.82 11.33 -14.02
C GLY A 212 -9.98 10.14 -14.47
N ASP A 213 -9.89 9.10 -13.66
CA ASP A 213 -9.11 7.93 -14.07
C ASP A 213 -10.01 6.96 -14.83
N PRO A 214 -9.44 6.24 -15.81
CA PRO A 214 -10.20 5.27 -16.61
C PRO A 214 -10.74 4.07 -15.84
N ASP A 215 -11.94 3.63 -16.20
CA ASP A 215 -12.55 2.47 -15.56
C ASP A 215 -12.87 1.41 -16.61
N HIS A 216 -12.27 1.56 -17.78
CA HIS A 216 -12.45 0.61 -18.88
C HIS A 216 -11.24 0.72 -19.79
N TYR A 217 -10.81 -0.43 -20.33
CA TYR A 217 -9.62 -0.48 -21.18
C TYR A 217 -9.70 0.44 -22.40
N SER A 218 -10.92 0.69 -22.88
CA SER A 218 -11.09 1.57 -24.03
C SER A 218 -10.73 3.02 -23.71
N LYS A 219 -10.69 3.34 -22.43
CA LYS A 219 -10.37 4.71 -22.01
C LYS A 219 -8.96 4.85 -21.46
N ARG A 220 -8.12 3.85 -21.71
CA ARG A 220 -6.75 3.88 -21.22
C ARG A 220 -5.93 5.02 -21.80
N TYR A 221 -5.01 5.54 -20.98
CA TYR A 221 -4.12 6.62 -21.38
C TYR A 221 -2.96 6.03 -22.14
N THR A 222 -2.69 6.59 -23.32
CA THR A 222 -1.60 6.08 -24.16
C THR A 222 -0.43 7.05 -24.31
N GLY A 223 -0.45 8.12 -23.53
CA GLY A 223 0.62 9.11 -23.59
C GLY A 223 1.91 8.70 -22.89
N THR A 224 2.82 9.65 -22.72
CA THR A 224 4.11 9.37 -22.09
C THR A 224 4.25 9.92 -20.66
N GLN A 225 3.31 10.76 -20.24
CA GLN A 225 3.37 11.33 -18.90
C GLN A 225 3.18 10.25 -17.84
N ASP A 226 3.70 10.49 -16.65
CA ASP A 226 3.56 9.56 -15.55
C ASP A 226 4.03 8.15 -15.93
N ASN A 227 5.17 8.09 -16.60
CA ASN A 227 5.74 6.81 -17.04
C ASN A 227 4.75 5.95 -17.82
N GLY A 228 3.97 6.61 -18.67
CA GLY A 228 2.99 5.89 -19.46
C GLY A 228 1.68 5.72 -18.73
N GLY A 229 1.40 6.63 -17.79
CA GLY A 229 0.16 6.58 -17.03
C GLY A 229 0.02 5.49 -15.97
N VAL A 230 1.10 5.20 -15.24
CA VAL A 230 1.03 4.15 -14.23
C VAL A 230 0.04 4.44 -13.10
N HIS A 231 -0.15 5.71 -12.75
CA HIS A 231 -1.10 6.07 -11.69
C HIS A 231 -2.47 6.37 -12.27
N ILE A 232 -2.56 6.35 -13.59
CA ILE A 232 -3.82 6.62 -14.28
C ILE A 232 -4.50 5.31 -14.69
N ASN A 233 -3.79 4.51 -15.47
CA ASN A 233 -4.34 3.24 -15.94
C ASN A 233 -4.54 2.19 -14.86
N SER A 234 -4.00 2.45 -13.67
CA SER A 234 -4.16 1.52 -12.57
C SER A 234 -5.65 1.47 -12.22
N GLY A 235 -6.37 2.53 -12.58
CA GLY A 235 -7.79 2.59 -12.30
C GLY A 235 -8.57 1.44 -12.93
N ILE A 236 -8.10 1.00 -14.09
CA ILE A 236 -8.75 -0.10 -14.82
C ILE A 236 -8.66 -1.39 -14.01
N ILE A 237 -7.48 -1.64 -13.45
CA ILE A 237 -7.27 -2.83 -12.65
C ILE A 237 -7.91 -2.67 -11.26
N ASN A 238 -7.83 -1.48 -10.68
CA ASN A 238 -8.45 -1.24 -9.38
C ASN A 238 -9.95 -1.51 -9.45
N LYS A 239 -10.58 -1.08 -10.54
CA LYS A 239 -12.02 -1.29 -10.71
C LYS A 239 -12.31 -2.79 -10.81
N ALA A 240 -11.46 -3.52 -11.53
CA ALA A 240 -11.65 -4.96 -11.67
C ALA A 240 -11.57 -5.64 -10.32
N ALA A 241 -10.59 -5.24 -9.50
CA ALA A 241 -10.41 -5.81 -8.18
C ALA A 241 -11.62 -5.52 -7.30
N TYR A 242 -12.11 -4.29 -7.37
CA TYR A 242 -13.28 -3.88 -6.58
C TYR A 242 -14.48 -4.76 -6.96
N LEU A 243 -14.67 -4.98 -8.25
CA LEU A 243 -15.78 -5.80 -8.72
C LEU A 243 -15.66 -7.24 -8.26
N ILE A 244 -14.45 -7.80 -8.33
CA ILE A 244 -14.24 -9.18 -7.91
C ILE A 244 -14.66 -9.33 -6.45
N SER A 245 -14.30 -8.36 -5.62
CA SER A 245 -14.62 -8.43 -4.20
C SER A 245 -16.06 -8.08 -3.86
N GLN A 246 -16.52 -6.92 -4.32
CA GLN A 246 -17.85 -6.43 -4.00
C GLN A 246 -18.96 -6.75 -4.99
N GLY A 247 -18.60 -7.03 -6.23
CA GLY A 247 -19.61 -7.33 -7.24
C GLY A 247 -20.24 -6.07 -7.79
N GLY A 248 -21.14 -6.24 -8.75
CA GLY A 248 -21.82 -5.11 -9.35
C GLY A 248 -21.90 -5.25 -10.85
N THR A 249 -22.61 -4.32 -11.50
CA THR A 249 -22.75 -4.34 -12.94
C THR A 249 -22.04 -3.11 -13.48
N HIS A 250 -21.06 -3.34 -14.34
CA HIS A 250 -20.25 -2.27 -14.91
C HIS A 250 -20.31 -2.36 -16.43
N TYR A 251 -20.73 -1.29 -17.08
CA TYR A 251 -20.86 -1.26 -18.53
C TYR A 251 -21.70 -2.43 -19.05
N GLY A 252 -22.76 -2.75 -18.31
CA GLY A 252 -23.64 -3.83 -18.72
C GLY A 252 -23.22 -5.24 -18.37
N VAL A 253 -22.03 -5.40 -17.78
CA VAL A 253 -21.55 -6.72 -17.40
C VAL A 253 -21.71 -6.93 -15.91
N SER A 254 -22.41 -8.00 -15.52
CA SER A 254 -22.66 -8.29 -14.11
C SER A 254 -21.62 -9.21 -13.49
N VAL A 255 -21.17 -8.84 -12.29
CA VAL A 255 -20.16 -9.62 -11.57
C VAL A 255 -20.65 -9.96 -10.16
N VAL A 256 -20.54 -11.24 -9.80
CA VAL A 256 -20.94 -11.69 -8.48
C VAL A 256 -19.70 -11.56 -7.57
N GLY A 257 -19.79 -10.74 -6.53
CA GLY A 257 -18.65 -10.56 -5.65
C GLY A 257 -18.31 -11.80 -4.83
N ILE A 258 -17.02 -12.02 -4.57
CA ILE A 258 -16.60 -13.18 -3.78
C ILE A 258 -15.92 -12.79 -2.46
N GLY A 259 -15.87 -11.49 -2.17
CA GLY A 259 -15.28 -11.04 -0.91
C GLY A 259 -13.83 -10.61 -0.94
N ARG A 260 -13.42 -9.85 0.07
CA ARG A 260 -12.06 -9.34 0.17
C ARG A 260 -10.99 -10.40 0.44
N ASP A 261 -11.30 -11.38 1.28
CA ASP A 261 -10.33 -12.42 1.59
C ASP A 261 -9.91 -13.20 0.36
N LYS A 262 -10.88 -13.60 -0.46
CA LYS A 262 -10.57 -14.34 -1.66
C LYS A 262 -9.86 -13.46 -2.69
N LEU A 263 -10.22 -12.18 -2.73
CA LEU A 263 -9.57 -11.25 -3.66
C LEU A 263 -8.07 -11.23 -3.32
N GLY A 264 -7.78 -11.11 -2.03
CA GLY A 264 -6.40 -11.06 -1.58
C GLY A 264 -5.64 -12.34 -1.91
N LYS A 265 -6.27 -13.49 -1.68
CA LYS A 265 -5.62 -14.76 -1.98
C LYS A 265 -5.33 -14.94 -3.46
N ILE A 266 -6.28 -14.55 -4.30
CA ILE A 266 -6.10 -14.67 -5.74
C ILE A 266 -5.00 -13.75 -6.26
N PHE A 267 -5.01 -12.49 -5.84
CA PHE A 267 -3.98 -11.57 -6.30
C PHE A 267 -2.61 -11.81 -5.72
N TYR A 268 -2.54 -12.32 -4.49
CA TYR A 268 -1.24 -12.59 -3.89
C TYR A 268 -0.60 -13.75 -4.64
N ARG A 269 -1.39 -14.75 -5.00
CA ARG A 269 -0.87 -15.90 -5.72
C ARG A 269 -0.42 -15.48 -7.11
N ALA A 270 -1.20 -14.64 -7.77
CA ALA A 270 -0.85 -14.18 -9.10
C ALA A 270 0.47 -13.42 -9.04
N LEU A 271 0.60 -12.55 -8.05
CA LEU A 271 1.80 -11.75 -7.86
C LEU A 271 3.06 -12.57 -7.59
N THR A 272 2.94 -13.57 -6.72
CA THR A 272 4.09 -14.38 -6.35
C THR A 272 4.39 -15.61 -7.19
N GLN A 273 3.44 -16.04 -8.02
CA GLN A 273 3.67 -17.24 -8.83
C GLN A 273 3.60 -17.09 -10.34
N TYR A 274 2.79 -16.16 -10.84
CA TYR A 274 2.62 -16.04 -12.28
C TYR A 274 3.06 -14.77 -12.99
N LEU A 275 3.05 -13.64 -12.30
CA LEU A 275 3.44 -12.39 -12.94
C LEU A 275 4.95 -12.27 -13.12
N THR A 276 5.35 -11.56 -14.16
CA THR A 276 6.77 -11.35 -14.47
C THR A 276 6.99 -9.85 -14.67
N PRO A 277 8.26 -9.43 -14.82
CA PRO A 277 8.57 -8.01 -15.00
C PRO A 277 7.83 -7.29 -16.14
N THR A 278 7.55 -8.00 -17.23
CA THR A 278 6.90 -7.38 -18.38
C THR A 278 5.42 -7.75 -18.60
N SER A 279 4.77 -8.31 -17.59
CA SER A 279 3.37 -8.69 -17.73
C SER A 279 2.47 -7.50 -18.06
N ASN A 280 1.55 -7.71 -19.01
CA ASN A 280 0.60 -6.65 -19.37
C ASN A 280 -0.77 -7.01 -18.79
N PHE A 281 -1.77 -6.18 -19.05
CA PHE A 281 -3.12 -6.41 -18.54
C PHE A 281 -3.68 -7.77 -18.94
N SER A 282 -3.54 -8.14 -20.21
CA SER A 282 -4.05 -9.41 -20.67
C SER A 282 -3.39 -10.57 -19.93
N GLN A 283 -2.10 -10.44 -19.64
CA GLN A 283 -1.41 -11.49 -18.92
C GLN A 283 -1.83 -11.52 -17.45
N LEU A 284 -2.21 -10.36 -16.92
CA LEU A 284 -2.67 -10.30 -15.53
C LEU A 284 -3.97 -11.08 -15.43
N ARG A 285 -4.84 -10.90 -16.42
CA ARG A 285 -6.11 -11.61 -16.43
C ARG A 285 -5.84 -13.11 -16.41
N ALA A 286 -4.94 -13.58 -17.27
CA ALA A 286 -4.59 -14.99 -17.34
C ALA A 286 -4.04 -15.47 -16.01
N ALA A 287 -3.18 -14.66 -15.39
CA ALA A 287 -2.58 -15.02 -14.11
C ALA A 287 -3.63 -15.11 -13.01
N ALA A 288 -4.58 -14.17 -13.00
CA ALA A 288 -5.63 -14.16 -11.99
C ALA A 288 -6.56 -15.36 -12.15
N VAL A 289 -6.90 -15.67 -13.39
CA VAL A 289 -7.77 -16.81 -13.67
C VAL A 289 -7.09 -18.11 -13.24
N GLN A 290 -5.80 -18.25 -13.56
CA GLN A 290 -5.07 -19.45 -13.21
C GLN A 290 -4.96 -19.59 -11.69
N SER A 291 -4.75 -18.46 -11.00
CA SER A 291 -4.64 -18.47 -9.55
C SER A 291 -5.94 -18.91 -8.90
N ALA A 292 -7.05 -18.37 -9.39
CA ALA A 292 -8.36 -18.73 -8.85
C ALA A 292 -8.61 -20.21 -9.14
N THR A 293 -8.15 -20.67 -10.29
CA THR A 293 -8.32 -22.07 -10.67
C THR A 293 -7.56 -22.98 -9.71
N ASP A 294 -6.31 -22.60 -9.40
CA ASP A 294 -5.48 -23.37 -8.50
C ASP A 294 -6.13 -23.50 -7.12
N LEU A 295 -6.69 -22.39 -6.65
CA LEU A 295 -7.30 -22.33 -5.33
C LEU A 295 -8.72 -22.86 -5.18
N TYR A 296 -9.57 -22.62 -6.18
CA TYR A 296 -10.97 -23.02 -6.07
C TYR A 296 -11.53 -23.96 -7.12
N GLY A 297 -10.74 -24.28 -8.15
CA GLY A 297 -11.24 -25.18 -9.18
C GLY A 297 -11.68 -24.43 -10.42
N SER A 298 -11.50 -25.06 -11.59
CA SER A 298 -11.86 -24.43 -12.85
C SER A 298 -13.35 -24.12 -13.04
N THR A 299 -14.23 -24.84 -12.35
CA THR A 299 -15.66 -24.60 -12.50
C THR A 299 -16.26 -23.88 -11.30
N SER A 300 -15.43 -23.22 -10.52
CA SER A 300 -15.87 -22.50 -9.34
C SER A 300 -16.46 -21.13 -9.63
N GLN A 301 -17.23 -20.61 -8.67
CA GLN A 301 -17.83 -19.29 -8.79
C GLN A 301 -16.71 -18.26 -8.78
N GLU A 302 -15.64 -18.56 -8.05
CA GLU A 302 -14.50 -17.65 -7.95
C GLU A 302 -13.88 -17.38 -9.31
N VAL A 303 -13.62 -18.45 -10.07
CA VAL A 303 -13.03 -18.30 -11.39
C VAL A 303 -13.98 -17.53 -12.31
N ALA A 304 -15.28 -17.83 -12.19
CA ALA A 304 -16.28 -17.16 -13.00
C ALA A 304 -16.28 -15.66 -12.75
N SER A 305 -16.21 -15.27 -11.48
CA SER A 305 -16.21 -13.85 -11.11
C SER A 305 -14.98 -13.10 -11.59
N VAL A 306 -13.83 -13.78 -11.60
CA VAL A 306 -12.61 -13.14 -12.07
C VAL A 306 -12.75 -12.85 -13.56
N LYS A 307 -13.28 -13.81 -14.32
CA LYS A 307 -13.47 -13.61 -15.75
C LYS A 307 -14.45 -12.48 -16.03
N GLN A 308 -15.55 -12.45 -15.29
CA GLN A 308 -16.57 -11.42 -15.46
C GLN A 308 -16.04 -10.02 -15.16
N ALA A 309 -15.24 -9.92 -14.11
CA ALA A 309 -14.66 -8.63 -13.71
C ALA A 309 -13.77 -8.07 -14.80
N PHE A 310 -12.90 -8.90 -15.35
CA PHE A 310 -12.03 -8.42 -16.41
C PHE A 310 -12.82 -8.12 -17.69
N ASP A 311 -13.88 -8.88 -17.95
CA ASP A 311 -14.70 -8.62 -19.12
C ASP A 311 -15.35 -7.24 -18.97
N ALA A 312 -15.78 -6.95 -17.74
CA ALA A 312 -16.43 -5.68 -17.43
C ALA A 312 -15.55 -4.47 -17.71
N VAL A 313 -14.25 -4.59 -17.45
CA VAL A 313 -13.35 -3.48 -17.70
C VAL A 313 -12.67 -3.55 -19.07
N GLY A 314 -13.12 -4.49 -19.90
CA GLY A 314 -12.59 -4.61 -21.24
C GLY A 314 -11.22 -5.22 -21.43
N VAL A 315 -10.77 -6.02 -20.47
CA VAL A 315 -9.47 -6.67 -20.58
C VAL A 315 -9.64 -8.13 -20.99
N LYS A 316 -9.22 -8.43 -22.21
CA LYS A 316 -9.32 -9.77 -22.78
C LYS A 316 -7.99 -10.53 -22.68
CA CA B . -8.55 4.17 2.07
CA CA C . -10.42 4.92 5.30
CA CA D . 9.44 12.28 24.19
CA CA E . -9.78 15.69 2.10
ZN ZN F . 2.85 3.47 -5.92
C1 PHQ G . 3.00 9.90 -4.22
O1 PHQ G . 2.09 9.98 -5.02
O2 PHQ G . 2.81 10.02 -2.89
C2 PHQ G . 1.48 10.25 -2.39
C3 PHQ G . 0.72 8.95 -2.21
C4 PHQ G . -0.70 8.93 -2.16
C5 PHQ G . -1.39 7.71 -1.99
C6 PHQ G . -0.67 6.50 -1.89
C7 PHQ G . 0.73 6.51 -1.92
C8 PHQ G . 1.43 7.72 -2.09
N DGL H . 4.29 9.65 -4.57
CA DGL H . 4.65 9.46 -5.98
C DGL H . 6.12 9.87 -6.21
O DGL H . 6.67 9.82 -7.27
CB DGL H . 4.46 7.97 -6.38
CG DGL H . 4.85 7.00 -5.23
CD DGL H . 4.11 5.64 -5.29
OE1 DGL H . 4.26 4.78 -4.49
OE2 DGL H . 3.31 5.52 -6.38
OXT DGL H . 6.72 10.27 -5.07
#